data_6LH6
#
_entry.id   6LH6
#
_cell.length_a   36.482
_cell.length_b   40.429
_cell.length_c   102.512
_cell.angle_alpha   90.000
_cell.angle_beta   90.000
_cell.angle_gamma   90.000
#
_symmetry.space_group_name_H-M   'P 21 2 21'
#
loop_
_entity.id
_entity.type
_entity.pdbx_description
1 polymer 'Bowman-Birk type proteinase inhibitor-like'
2 water water
#
_entity_poly.entity_id   1
_entity_poly.type   'polypeptide(L)'
_entity_poly.pdbx_seq_one_letter_code
;GVGYKVKSTTTACCDSCVCTKSIPPQCRCNDMGETCHSACKQCICALSYPPICRCMDNTGFCYDSCSKSKDQD
;
_entity_poly.pdbx_strand_id   A,B
#
# COMPACT_ATOMS: atom_id res chain seq x y z
N GLY A 3 -0.97 26.14 -5.11
CA GLY A 3 0.06 25.29 -4.53
C GLY A 3 -0.35 23.84 -4.29
N TYR A 4 0.62 22.98 -4.00
CA TYR A 4 0.29 21.58 -3.80
C TYR A 4 1.32 20.93 -2.88
N LYS A 5 0.94 19.79 -2.32
CA LYS A 5 1.80 19.05 -1.41
C LYS A 5 1.74 17.59 -1.80
N VAL A 6 2.89 16.90 -1.73
CA VAL A 6 3.00 15.47 -1.97
C VAL A 6 3.53 14.86 -0.67
N LYS A 7 2.72 14.04 -0.02
CA LYS A 7 3.15 13.50 1.27
C LYS A 7 2.53 12.13 1.45
N SER A 8 3.12 11.33 2.31
CA SER A 8 2.53 10.04 2.65
C SER A 8 1.39 10.25 3.64
N THR A 9 0.31 9.49 3.45
CA THR A 9 -0.77 9.38 4.42
C THR A 9 -0.87 7.99 5.00
N THR A 10 0.25 7.28 5.01
CA THR A 10 0.37 5.94 5.56
C THR A 10 1.49 5.92 6.59
N THR A 11 1.33 5.08 7.59
CA THR A 11 2.46 4.75 8.47
C THR A 11 3.09 3.42 8.09
N ALA A 12 2.62 2.78 7.03
CA ALA A 12 3.23 1.52 6.63
C ALA A 12 4.70 1.72 6.27
N CYS A 13 5.50 0.72 6.59
CA CYS A 13 6.90 0.80 6.26
C CYS A 13 7.35 -0.57 5.78
N CYS A 14 8.49 -0.58 5.09
CA CYS A 14 9.03 -1.84 4.61
C CYS A 14 10.54 -1.76 4.71
N ASP A 15 11.13 -2.71 5.42
CA ASP A 15 12.58 -2.76 5.53
C ASP A 15 13.17 -3.40 4.31
N SER A 16 12.60 -4.52 3.87
CA SER A 16 13.20 -5.31 2.80
C SER A 16 12.30 -5.20 1.57
N CYS A 17 12.46 -4.14 0.82
CA CYS A 17 11.69 -3.92 -0.39
C CYS A 17 12.58 -4.35 -1.53
N VAL A 18 12.05 -5.22 -2.41
CA VAL A 18 12.80 -5.68 -3.56
C VAL A 18 11.98 -5.37 -4.80
N CYS A 19 12.62 -4.75 -5.79
CA CYS A 19 11.93 -4.32 -6.99
C CYS A 19 12.66 -4.84 -8.21
N THR A 20 11.90 -4.96 -9.30
CA THR A 20 12.54 -5.12 -10.60
C THR A 20 13.34 -3.87 -10.92
N LYS A 21 14.28 -4.00 -11.87
CA LYS A 21 14.97 -2.84 -12.42
C LYS A 21 14.27 -2.33 -13.67
N SER A 22 13.35 -3.11 -14.25
CA SER A 22 12.64 -2.63 -15.43
C SER A 22 11.62 -1.56 -15.02
N ILE A 23 11.14 -0.84 -16.03
CA ILE A 23 10.33 0.36 -15.84
C ILE A 23 8.98 0.12 -16.52
N PRO A 24 7.87 0.40 -15.86
CA PRO A 24 7.75 0.87 -14.47
C PRO A 24 8.06 -0.25 -13.51
N PRO A 25 8.45 0.09 -12.30
CA PRO A 25 8.91 -0.94 -11.37
C PRO A 25 7.78 -1.77 -10.79
N GLN A 26 8.14 -3.01 -10.46
CA GLN A 26 7.30 -3.91 -9.70
C GLN A 26 8.07 -4.29 -8.45
N CYS A 27 7.46 -4.06 -7.29
CA CYS A 27 8.12 -4.18 -6.00
C CYS A 27 7.28 -5.01 -5.07
N ARG A 28 7.95 -5.61 -4.09
CA ARG A 28 7.24 -6.29 -3.02
C ARG A 28 8.01 -6.06 -1.73
N CYS A 29 7.31 -6.19 -0.64
CA CYS A 29 7.91 -6.11 0.68
C CYS A 29 8.10 -7.53 1.20
N ASN A 30 9.34 -7.88 1.51
CA ASN A 30 9.66 -9.24 1.95
C ASN A 30 9.81 -9.35 3.46
N ASP A 31 9.43 -8.32 4.20
CA ASP A 31 9.50 -8.37 5.67
C ASP A 31 8.68 -9.54 6.20
N MET A 32 9.20 -10.21 7.21
CA MET A 32 8.48 -11.29 7.86
C MET A 32 8.34 -10.92 9.32
N GLY A 33 7.14 -11.08 9.87
CA GLY A 33 6.90 -10.69 11.22
C GLY A 33 5.65 -11.35 11.73
N GLU A 34 5.21 -10.88 12.89
CA GLU A 34 4.01 -11.46 13.49
C GLU A 34 2.73 -10.93 12.86
N THR A 35 2.82 -9.91 12.01
CA THR A 35 1.73 -9.44 11.18
C THR A 35 2.37 -8.79 9.95
N CYS A 36 1.57 -8.10 9.14
CA CYS A 36 2.09 -7.34 8.02
C CYS A 36 1.82 -5.86 8.29
N HIS A 37 2.45 -5.02 7.46
CA HIS A 37 2.31 -3.59 7.62
C HIS A 37 0.87 -3.14 7.35
N SER A 38 0.62 -1.89 7.75
CA SER A 38 -0.75 -1.36 7.74
C SER A 38 -1.22 -0.94 6.35
N ALA A 39 -0.48 -1.24 5.29
CA ALA A 39 -0.94 -1.01 3.93
C ALA A 39 -1.17 -2.32 3.19
N CYS A 40 -1.05 -3.47 3.87
CA CYS A 40 -1.06 -4.76 3.17
C CYS A 40 -2.46 -5.28 2.93
N LYS A 41 -2.78 -5.50 1.66
CA LYS A 41 -4.06 -6.08 1.30
C LYS A 41 -4.04 -7.58 1.41
N GLN A 42 -2.94 -8.23 1.04
CA GLN A 42 -2.86 -9.68 1.05
C GLN A 42 -1.70 -10.09 1.95
N CYS A 43 -1.97 -10.22 3.24
CA CYS A 43 -0.99 -10.67 4.24
C CYS A 43 -1.14 -12.16 4.41
N ILE A 44 -0.10 -12.92 4.11
CA ILE A 44 -0.16 -14.37 4.30
C ILE A 44 0.58 -14.75 5.56
N CYS A 45 -0.09 -15.47 6.44
CA CYS A 45 0.50 -15.87 7.71
C CYS A 45 0.46 -17.38 7.84
N ALA A 46 1.58 -17.98 8.24
CA ALA A 46 1.55 -19.36 8.67
C ALA A 46 0.85 -19.41 10.02
N LEU A 47 0.07 -20.47 10.25
CA LEU A 47 -0.59 -20.59 11.53
C LEU A 47 0.32 -21.20 12.59
N SER A 48 1.65 -21.03 12.45
CA SER A 48 2.61 -21.42 13.47
C SER A 48 2.39 -20.59 14.74
N TYR A 49 2.81 -21.13 15.89
CA TYR A 49 2.57 -20.38 17.13
C TYR A 49 3.14 -18.99 17.06
N PRO A 50 4.46 -18.78 16.98
CA PRO A 50 4.90 -17.49 16.54
C PRO A 50 4.41 -17.34 15.12
N PRO A 51 3.36 -16.55 14.88
CA PRO A 51 2.88 -16.39 13.52
C PRO A 51 4.00 -15.81 12.68
N ILE A 52 4.19 -16.35 11.49
CA ILE A 52 5.13 -15.77 10.55
C ILE A 52 4.32 -15.26 9.38
N CYS A 53 4.39 -13.97 9.11
CA CYS A 53 3.55 -13.34 8.11
C CYS A 53 4.38 -12.53 7.13
N ARG A 54 3.93 -12.45 5.87
CA ARG A 54 4.60 -11.65 4.86
C ARG A 54 3.54 -11.05 3.97
N CYS A 55 3.78 -9.86 3.46
CA CYS A 55 2.83 -9.19 2.56
C CYS A 55 3.11 -9.64 1.14
N MET A 56 2.08 -10.16 0.48
CA MET A 56 2.22 -10.63 -0.88
C MET A 56 1.95 -9.57 -1.93
N ASP A 57 1.56 -8.36 -1.52
CA ASP A 57 1.15 -7.36 -2.50
C ASP A 57 2.30 -6.99 -3.42
N ASN A 58 1.99 -6.71 -4.68
CA ASN A 58 2.92 -6.05 -5.59
C ASN A 58 2.56 -4.58 -5.65
N THR A 59 3.56 -3.72 -5.56
CA THR A 59 3.38 -2.27 -5.59
C THR A 59 4.30 -1.68 -6.65
N GLY A 60 4.01 -0.47 -7.11
CA GLY A 60 4.89 0.17 -8.09
C GLY A 60 5.88 1.12 -7.45
N PHE A 61 6.18 0.89 -6.17
CA PHE A 61 6.97 1.78 -5.35
C PHE A 61 7.32 0.99 -4.10
N CYS A 62 8.20 1.56 -3.28
CA CYS A 62 8.52 0.99 -1.96
C CYS A 62 8.01 1.92 -0.88
N TYR A 63 7.41 1.34 0.16
CA TYR A 63 7.16 2.10 1.37
CA TYR A 63 7.17 2.10 1.38
C TYR A 63 8.49 2.52 1.99
N ASP A 64 8.44 3.54 2.82
CA ASP A 64 9.65 3.99 3.48
C ASP A 64 10.18 2.92 4.42
N SER A 65 11.49 2.96 4.68
CA SER A 65 12.08 2.05 5.65
C SER A 65 11.47 2.27 7.02
N CYS A 66 11.42 1.20 7.81
CA CYS A 66 10.94 1.29 9.17
C CYS A 66 11.94 1.96 10.10
N SER A 67 11.43 2.36 11.27
CA SER A 67 12.28 2.88 12.32
C SER A 67 13.34 1.82 12.66
N LYS A 68 14.50 2.29 13.10
CA LYS A 68 15.53 1.38 13.62
C LYS A 68 15.19 0.88 15.02
N SER A 69 14.16 1.42 15.65
CA SER A 69 13.73 0.90 16.95
C SER A 69 12.69 -0.21 16.76
N LYS A 70 12.31 -0.86 17.88
CA LYS A 70 11.24 -1.84 17.88
C LYS A 70 9.88 -1.25 17.56
N ASP A 71 9.73 0.07 17.64
CA ASP A 71 8.45 0.72 17.39
C ASP A 71 8.39 1.04 15.92
N GLN A 72 7.85 0.10 15.15
CA GLN A 72 7.79 0.25 13.71
C GLN A 72 6.55 -0.44 13.16
N ASP A 73 6.07 0.07 12.03
CA ASP A 73 4.90 -0.48 11.37
C ASP A 73 5.37 -1.63 10.46
N GLY B 3 -1.11 -24.96 8.42
CA GLY B 3 -2.22 -24.09 8.07
C GLY B 3 -1.77 -22.64 7.82
N TYR B 4 -2.61 -21.88 7.14
CA TYR B 4 -2.22 -20.51 6.81
C TYR B 4 -3.47 -19.68 6.61
N LYS B 5 -3.31 -18.38 6.65
CA LYS B 5 -4.42 -17.46 6.40
C LYS B 5 -3.92 -16.35 5.50
N VAL B 6 -4.83 -15.85 4.68
CA VAL B 6 -4.58 -14.71 3.82
C VAL B 6 -5.63 -13.65 4.15
N LYS B 7 -5.20 -12.51 4.65
CA LYS B 7 -6.13 -11.52 5.17
C LYS B 7 -5.53 -10.14 4.97
N SER B 8 -6.39 -9.13 4.92
CA SER B 8 -5.91 -7.77 4.87
C SER B 8 -5.49 -7.32 6.27
N THR B 9 -4.36 -6.60 6.32
CA THR B 9 -3.95 -5.92 7.54
C THR B 9 -3.98 -4.40 7.35
N THR B 10 -4.81 -3.94 6.42
CA THR B 10 -5.00 -2.52 6.18
C THR B 10 -6.49 -2.21 6.28
N THR B 11 -6.79 -0.98 6.63
CA THR B 11 -8.17 -0.49 6.45
C THR B 11 -8.29 0.42 5.25
N ALA B 12 -7.21 0.62 4.48
CA ALA B 12 -7.31 1.46 3.30
C ALA B 12 -8.38 0.92 2.36
N CYS B 13 -9.03 1.85 1.67
CA CYS B 13 -10.11 1.47 0.78
C CYS B 13 -10.08 2.42 -0.40
N CYS B 14 -10.67 1.99 -1.51
CA CYS B 14 -10.75 2.82 -2.70
C CYS B 14 -12.07 2.54 -3.37
N ASP B 15 -12.82 3.60 -3.68
CA ASP B 15 -14.08 3.38 -4.36
C ASP B 15 -13.92 3.29 -5.87
N SER B 16 -12.97 4.02 -6.45
CA SER B 16 -12.77 4.01 -7.91
C SER B 16 -11.35 3.58 -8.23
N CYS B 17 -11.17 2.29 -8.39
CA CYS B 17 -9.87 1.72 -8.70
C CYS B 17 -9.88 1.36 -10.16
N VAL B 18 -8.91 1.86 -10.90
CA VAL B 18 -8.85 1.58 -12.34
C VAL B 18 -7.56 0.82 -12.58
N CYS B 19 -7.65 -0.25 -13.37
CA CYS B 19 -6.49 -1.12 -13.59
C CYS B 19 -6.31 -1.35 -15.07
N THR B 20 -5.06 -1.42 -15.49
CA THR B 20 -4.82 -1.91 -16.84
C THR B 20 -5.16 -3.39 -16.91
N LYS B 21 -5.64 -3.81 -18.07
CA LYS B 21 -5.98 -5.20 -18.34
C LYS B 21 -4.71 -5.82 -18.87
N SER B 22 -3.88 -6.26 -17.92
CA SER B 22 -2.52 -6.68 -18.23
C SER B 22 -2.06 -7.68 -17.18
N ILE B 23 -1.03 -8.43 -17.55
CA ILE B 23 -0.42 -9.43 -16.67
C ILE B 23 1.02 -8.98 -16.41
N PRO B 24 1.31 -8.42 -15.22
CA PRO B 24 0.38 -8.10 -14.13
C PRO B 24 -0.34 -6.77 -14.35
N PRO B 25 -1.39 -6.52 -13.58
CA PRO B 25 -2.15 -5.28 -13.72
C PRO B 25 -1.43 -4.12 -13.05
N GLN B 26 -1.59 -2.94 -13.62
CA GLN B 26 -1.18 -1.69 -12.99
C GLN B 26 -2.45 -0.94 -12.61
N CYS B 27 -2.60 -0.65 -11.33
CA CYS B 27 -3.84 -0.10 -10.80
C CYS B 27 -3.56 1.24 -10.11
N ARG B 28 -4.59 2.06 -10.02
CA ARG B 28 -4.50 3.29 -9.24
C ARG B 28 -5.86 3.55 -8.62
N CYS B 29 -5.86 4.29 -7.54
CA CYS B 29 -7.07 4.72 -6.90
C CYS B 29 -7.33 6.15 -7.36
N ASN B 30 -8.50 6.42 -7.94
CA ASN B 30 -8.84 7.74 -8.45
C ASN B 30 -9.64 8.57 -7.46
N ASP B 31 -9.82 8.07 -6.23
CA ASP B 31 -10.62 8.77 -5.24
C ASP B 31 -10.01 10.12 -4.93
N MET B 32 -10.86 11.11 -4.75
CA MET B 32 -10.45 12.42 -4.29
C MET B 32 -11.13 12.73 -2.97
N GLY B 33 -10.43 13.43 -2.10
CA GLY B 33 -11.03 13.78 -0.83
C GLY B 33 -10.15 14.79 -0.13
N GLU B 34 -10.45 15.03 1.14
CA GLU B 34 -9.64 15.96 1.94
C GLU B 34 -8.33 15.34 2.41
N THR B 35 -8.15 14.05 2.24
CA THR B 35 -6.89 13.36 2.45
C THR B 35 -6.89 12.16 1.52
N CYS B 36 -5.88 11.29 1.66
CA CYS B 36 -5.84 10.02 0.94
C CYS B 36 -5.94 8.89 1.94
N HIS B 37 -6.19 7.70 1.40
CA HIS B 37 -6.35 6.54 2.24
C HIS B 37 -5.06 6.18 2.98
N SER B 38 -5.22 5.29 3.96
CA SER B 38 -4.16 5.01 4.92
C SER B 38 -3.09 4.07 4.39
N ALA B 39 -3.13 3.72 3.09
CA ALA B 39 -2.04 3.01 2.45
C ALA B 39 -1.29 3.86 1.44
N CYS B 40 -1.57 5.14 1.34
CA CYS B 40 -1.04 5.96 0.25
C CYS B 40 0.35 6.52 0.58
N LYS B 41 1.33 6.14 -0.22
CA LYS B 41 2.67 6.66 -0.09
C LYS B 41 2.80 8.05 -0.71
N GLN B 42 2.16 8.26 -1.87
CA GLN B 42 2.29 9.55 -2.55
C GLN B 42 0.90 10.15 -2.69
N CYS B 43 0.48 10.89 -1.68
CA CYS B 43 -0.80 11.62 -1.71
C CYS B 43 -0.52 13.03 -2.20
N ILE B 44 -1.11 13.41 -3.33
CA ILE B 44 -0.95 14.79 -3.81
C ILE B 44 -2.19 15.59 -3.46
N CYS B 45 -2.02 16.72 -2.81
CA CYS B 45 -3.12 17.58 -2.43
C CYS B 45 -2.94 18.95 -3.04
N ALA B 46 -3.98 19.43 -3.72
CA ALA B 46 -4.02 20.82 -4.09
C ALA B 46 -4.35 21.61 -2.84
N LEU B 47 -3.64 22.71 -2.62
CA LEU B 47 -3.82 23.50 -1.40
C LEU B 47 -4.97 24.49 -1.56
N SER B 48 -6.13 23.95 -1.92
CA SER B 48 -7.37 24.71 -2.04
C SER B 48 -8.15 24.61 -0.74
N TYR B 49 -9.30 25.28 -0.68
CA TYR B 49 -10.24 25.13 0.44
C TYR B 49 -11.64 24.86 -0.11
N PRO B 50 -12.17 23.64 0.04
CA PRO B 50 -11.50 22.51 0.70
C PRO B 50 -10.31 21.98 -0.12
N PRO B 51 -9.37 21.31 0.54
CA PRO B 51 -8.26 20.72 -0.20
C PRO B 51 -8.75 19.52 -0.97
N ILE B 52 -8.11 19.25 -2.10
CA ILE B 52 -8.48 18.13 -2.92
C ILE B 52 -7.25 17.27 -3.08
N CYS B 53 -7.35 16.04 -2.60
CA CYS B 53 -6.21 15.14 -2.56
C CYS B 53 -6.53 13.85 -3.30
N ARG B 54 -5.52 13.27 -3.98
CA ARG B 54 -5.68 11.96 -4.58
C ARG B 54 -4.37 11.19 -4.45
N CYS B 55 -4.47 9.87 -4.43
CA CYS B 55 -3.29 9.04 -4.25
C CYS B 55 -2.71 8.73 -5.61
N MET B 56 -1.42 9.02 -5.78
CA MET B 56 -0.81 8.74 -7.08
C MET B 56 -0.11 7.40 -7.15
N ASP B 57 -0.20 6.59 -6.10
CA ASP B 57 0.50 5.32 -6.10
C ASP B 57 -0.02 4.41 -7.19
N ASN B 58 0.89 3.61 -7.75
CA ASN B 58 0.54 2.52 -8.64
CA ASN B 58 0.60 2.52 -8.67
C ASN B 58 0.67 1.22 -7.87
N THR B 59 -0.38 0.42 -7.87
CA THR B 59 -0.43 -0.84 -7.14
C THR B 59 -0.73 -1.98 -8.11
N GLY B 60 -0.42 -3.20 -7.71
CA GLY B 60 -0.71 -4.35 -8.55
C GLY B 60 -2.02 -5.03 -8.22
N PHE B 61 -2.92 -4.30 -7.57
CA PHE B 61 -4.17 -4.85 -7.01
C PHE B 61 -4.99 -3.63 -6.64
N CYS B 62 -6.24 -3.88 -6.27
CA CYS B 62 -7.12 -2.83 -5.72
C CYS B 62 -7.39 -3.06 -4.25
N TYR B 63 -7.45 -1.96 -3.50
CA TYR B 63 -7.96 -2.02 -2.14
CA TYR B 63 -7.95 -2.06 -2.14
C TYR B 63 -9.46 -2.33 -2.19
N ASP B 64 -10.00 -2.76 -1.05
CA ASP B 64 -11.44 -2.98 -0.97
C ASP B 64 -12.17 -1.67 -1.16
N SER B 65 -13.43 -1.75 -1.60
CA SER B 65 -14.28 -0.57 -1.75
C SER B 65 -14.47 0.12 -0.42
N CYS B 66 -14.56 1.44 -0.46
CA CYS B 66 -14.94 2.19 0.75
C CYS B 66 -16.43 2.15 1.00
N SER B 67 -17.25 1.99 -0.05
CA SER B 67 -18.67 2.24 0.06
C SER B 67 -19.55 1.02 -0.11
N LYS B 68 -19.00 -0.13 -0.47
CA LYS B 68 -19.82 -1.31 -0.72
C LYS B 68 -19.80 -2.21 0.51
#